data_5NXX
#
_entry.id   5NXX
#
_cell.length_a   88.100
_cell.length_b   30.000
_cell.length_c   106.100
_cell.angle_alpha   90.00
_cell.angle_beta   95.60
_cell.angle_gamma   90.00
#
_symmetry.space_group_name_H-M   'P 1 21 1'
#
loop_
_entity.id
_entity.type
_entity.pdbx_description
1 polymer 'Glycine betaine ABC transport system glycine betaine-binding protein OpuAC'
2 non-polymer (trimethylarsonio)acetate
3 water water
#
_entity_poly.entity_id   1
_entity_poly.type   'polypeptide(L)'
_entity_poly.pdbx_seq_one_letter_code
;DENASAAEQVNKTIIGIDPGSGIMSLTDKAMKDYDLNDWTLISASSAAMTATLKKSYDRKKPIIITGWTPHWMFSRYKLK
YLDDPKQSYGSAEEIHTITRKGFSKEQPNAAKLLSQFKWTQDEMGEIMIKVEEGEKPAKVAAEYVNKHKDQIAEWTKGVQ
KVKGDKINLAYVAWDSEIASTNVIGKVLEDLGYEVTLTQVEAGPMWTAIATGSADASLSAWLPNTHKAYAAKYKGKYDDI
GTSMTGVKMGLVVPQYMKNVNSIEDLKK
;
_entity_poly.pdbx_strand_id   C,D
#
loop_
_chem_comp.id
_chem_comp.type
_chem_comp.name
_chem_comp.formula
3Q7 non-polymer (trimethylarsonio)acetate 'C5 H11 As O2'
#
# COMPACT_ATOMS: atom_id res chain seq x y z
N ALA A 4 -26.94 12.83 -13.05
CA ALA A 4 -26.27 11.59 -13.43
C ALA A 4 -24.93 11.44 -12.69
N SER A 5 -24.48 10.18 -12.60
CA SER A 5 -23.38 9.82 -11.70
C SER A 5 -22.06 9.89 -12.41
N ALA A 6 -21.00 10.18 -11.67
CA ALA A 6 -19.66 10.30 -12.27
C ALA A 6 -19.33 9.11 -13.17
N ALA A 7 -19.62 7.91 -12.70
CA ALA A 7 -19.38 6.69 -13.46
C ALA A 7 -20.12 6.67 -14.81
N GLU A 8 -21.37 7.12 -14.81
CA GLU A 8 -22.16 7.30 -16.03
C GLU A 8 -21.52 8.41 -16.88
N GLN A 9 -21.24 9.55 -16.27
CA GLN A 9 -20.68 10.66 -17.01
C GLN A 9 -19.43 10.27 -17.77
N VAL A 10 -18.50 9.57 -17.14
CA VAL A 10 -17.25 9.31 -17.86
C VAL A 10 -17.05 7.85 -18.23
N ASN A 11 -18.12 7.08 -18.16
CA ASN A 11 -18.01 5.67 -18.48
C ASN A 11 -16.96 4.95 -17.63
N LYS A 12 -16.81 5.38 -16.37
CA LYS A 12 -15.92 4.71 -15.43
C LYS A 12 -14.48 4.66 -15.98
N THR A 13 -14.05 5.75 -16.61
CA THR A 13 -12.74 5.77 -17.23
C THR A 13 -11.96 6.96 -16.67
N ILE A 14 -10.69 6.79 -16.39
CA ILE A 14 -9.89 7.92 -15.92
C ILE A 14 -8.75 8.12 -16.92
N ILE A 15 -8.47 9.37 -17.27
CA ILE A 15 -7.35 9.63 -18.20
C ILE A 15 -6.06 9.90 -17.43
N GLY A 16 -5.04 9.09 -17.75
CA GLY A 16 -3.78 9.12 -17.04
C GLY A 16 -2.63 9.56 -17.91
N ILE A 17 -1.42 9.29 -17.44
CA ILE A 17 -0.22 9.69 -18.12
C ILE A 17 0.75 8.50 -18.26
N ASP A 18 2.05 8.76 -18.28
CA ASP A 18 3.03 7.71 -18.45
C ASP A 18 2.90 6.63 -17.38
N PRO A 19 2.99 5.37 -17.81
CA PRO A 19 2.73 4.27 -16.89
C PRO A 19 3.74 4.15 -15.73
N GLY A 20 4.94 4.69 -15.87
CA GLY A 20 5.94 4.51 -14.81
C GLY A 20 5.93 5.57 -13.71
N SER A 21 5.08 6.59 -13.88
CA SER A 21 5.04 7.70 -12.92
C SER A 21 4.35 7.27 -11.62
N GLY A 22 4.70 7.93 -10.52
CA GLY A 22 4.08 7.53 -9.26
C GLY A 22 2.65 7.95 -9.09
N ILE A 23 2.24 8.95 -9.86
CA ILE A 23 0.85 9.35 -9.81
C ILE A 23 0.02 8.18 -10.35
N MET A 24 0.55 7.47 -11.32
CA MET A 24 -0.28 6.40 -11.89
C MET A 24 -0.37 5.23 -10.88
N SER A 25 0.70 5.02 -10.17
CA SER A 25 0.83 4.00 -9.19
C SER A 25 -0.05 4.39 -8.00
N LEU A 26 0.05 5.66 -7.60
CA LEU A 26 -0.85 6.13 -6.56
C LEU A 26 -2.32 6.10 -6.99
N THR A 27 -2.64 6.33 -8.26
CA THR A 27 -4.05 6.24 -8.67
C THR A 27 -4.59 4.79 -8.65
N ASP A 28 -3.71 3.86 -8.99
CA ASP A 28 -4.05 2.46 -8.87
C ASP A 28 -4.34 2.10 -7.42
N LYS A 29 -3.58 2.66 -6.50
CA LYS A 29 -3.87 2.41 -5.11
C LYS A 29 -5.25 2.96 -4.70
N ALA A 30 -5.50 4.21 -5.07
CA ALA A 30 -6.77 4.86 -4.72
C ALA A 30 -7.95 4.06 -5.28
N MET A 31 -7.85 3.58 -6.53
CA MET A 31 -8.91 2.73 -7.10
C MET A 31 -9.11 1.48 -6.21
N LYS A 32 -8.05 0.89 -5.70
CA LYS A 32 -8.25 -0.22 -4.79
C LYS A 32 -8.86 0.25 -3.48
N ASP A 33 -8.31 1.33 -2.91
CA ASP A 33 -8.78 1.85 -1.63
C ASP A 33 -10.28 2.19 -1.57
N TYR A 34 -10.83 2.69 -2.66
CA TYR A 34 -12.20 3.20 -2.69
C TYR A 34 -13.11 2.20 -3.43
N ASP A 35 -12.58 1.00 -3.65
CA ASP A 35 -13.31 -0.07 -4.32
C ASP A 35 -13.88 0.32 -5.68
N LEU A 36 -13.07 0.98 -6.50
CA LEU A 36 -13.50 1.32 -7.85
C LEU A 36 -13.10 0.18 -8.77
N ASN A 37 -13.59 -1.02 -8.45
CA ASN A 37 -13.06 -2.24 -9.05
C ASN A 37 -13.48 -2.50 -10.50
N ASP A 38 -14.55 -1.87 -10.97
CA ASP A 38 -14.91 -1.94 -12.39
C ASP A 38 -14.49 -0.65 -13.18
N TRP A 39 -13.54 0.13 -12.67
CA TRP A 39 -13.05 1.33 -13.35
C TRP A 39 -11.79 1.06 -14.19
N THR A 40 -11.59 1.87 -15.23
CA THR A 40 -10.38 1.75 -16.03
C THR A 40 -9.49 3.00 -16.04
N LEU A 41 -8.21 2.78 -15.79
CA LEU A 41 -7.20 3.81 -15.88
C LEU A 41 -6.45 3.68 -17.20
N ILE A 42 -6.56 4.70 -18.08
CA ILE A 42 -5.86 4.68 -19.34
C ILE A 42 -4.44 5.26 -19.20
N SER A 43 -3.46 4.44 -19.53
CA SER A 43 -2.08 4.88 -19.64
C SER A 43 -1.91 5.73 -20.89
N ALA A 44 -1.10 6.78 -20.75
CA ALA A 44 -0.89 7.71 -21.84
C ALA A 44 0.41 8.42 -21.63
N SER A 45 0.37 9.75 -21.58
CA SER A 45 1.59 10.56 -21.43
C SER A 45 1.11 11.93 -21.02
N SER A 46 2.02 12.80 -20.61
CA SER A 46 1.62 14.16 -20.22
C SER A 46 0.95 14.95 -21.33
N ALA A 47 1.47 14.87 -22.57
CA ALA A 47 0.95 15.71 -23.64
C ALA A 47 -0.38 15.19 -24.14
N ALA A 48 -0.53 13.87 -24.18
CA ALA A 48 -1.80 13.31 -24.57
C ALA A 48 -2.90 13.56 -23.53
N MET A 49 -2.55 13.48 -22.25
CA MET A 49 -3.55 13.77 -21.23
C MET A 49 -4.20 15.20 -21.40
N THR A 50 -3.36 16.22 -21.56
CA THR A 50 -3.83 17.62 -21.65
C THR A 50 -4.53 17.91 -22.98
N ALA A 51 -4.09 17.24 -24.04
CA ALA A 51 -4.80 17.29 -25.34
C ALA A 51 -6.23 16.79 -25.23
N THR A 52 -6.41 15.67 -24.52
CA THR A 52 -7.73 15.12 -24.24
C THR A 52 -8.53 16.04 -23.33
N LEU A 53 -7.88 16.55 -22.29
CA LEU A 53 -8.57 17.46 -21.40
C LEU A 53 -9.11 18.65 -22.22
N LYS A 54 -8.24 19.25 -23.06
CA LYS A 54 -8.60 20.40 -23.86
C LYS A 54 -9.78 20.10 -24.76
N LYS A 55 -9.76 18.94 -25.40
CA LYS A 55 -10.84 18.54 -26.31
C LYS A 55 -12.14 18.36 -25.55
N SER A 56 -12.07 17.69 -24.41
CA SER A 56 -13.26 17.53 -23.56
C SER A 56 -13.77 18.87 -23.00
N TYR A 57 -12.84 19.67 -22.51
CA TYR A 57 -13.24 20.86 -21.82
C TYR A 57 -13.89 21.84 -22.81
N ASP A 58 -13.34 21.93 -24.02
CA ASP A 58 -13.83 22.89 -25.00
C ASP A 58 -15.30 22.59 -25.36
N ARG A 59 -15.67 21.32 -25.23
CA ARG A 59 -17.04 20.84 -25.44
C ARG A 59 -17.85 20.70 -24.15
N LYS A 60 -17.26 21.09 -23.02
CA LYS A 60 -17.87 20.88 -21.71
C LYS A 60 -18.36 19.48 -21.52
N LYS A 61 -17.55 18.52 -21.90
CA LYS A 61 -17.80 17.13 -21.61
C LYS A 61 -17.03 16.69 -20.36
N PRO A 62 -17.63 15.80 -19.55
CA PRO A 62 -17.02 15.30 -18.31
C PRO A 62 -15.71 14.56 -18.59
N ILE A 63 -14.73 14.74 -17.72
CA ILE A 63 -13.49 14.01 -17.78
C ILE A 63 -12.88 13.94 -16.39
N ILE A 64 -12.18 12.85 -16.13
CA ILE A 64 -11.38 12.71 -14.93
C ILE A 64 -9.93 12.40 -15.33
N ILE A 65 -8.99 13.15 -14.76
CA ILE A 65 -7.59 13.01 -15.13
C ILE A 65 -6.75 12.76 -13.90
N THR A 66 -5.57 12.21 -14.09
CA THR A 66 -4.59 12.13 -13.03
C THR A 66 -3.87 13.45 -13.06
N GLY A 67 -4.10 14.30 -12.08
CA GLY A 67 -3.53 15.65 -12.17
C GLY A 67 -2.67 16.06 -10.99
N TRP A 68 -1.83 17.06 -11.19
CA TRP A 68 -0.94 17.54 -10.16
C TRP A 68 -0.75 19.07 -10.24
N THR A 69 -0.21 19.61 -9.16
CA THR A 69 0.16 21.02 -9.09
C THR A 69 1.55 21.09 -8.47
N PRO A 70 2.46 21.91 -9.03
CA PRO A 70 2.30 22.92 -10.08
C PRO A 70 2.04 22.38 -11.50
N HIS A 71 1.03 22.94 -12.19
CA HIS A 71 0.72 22.58 -13.57
C HIS A 71 -0.02 23.76 -14.21
N TRP A 72 0.43 24.16 -15.40
CA TRP A 72 -0.18 25.26 -16.14
C TRP A 72 -1.65 25.01 -16.41
N MET A 73 -2.09 23.75 -16.35
CA MET A 73 -3.46 23.49 -16.77
C MET A 73 -4.46 24.12 -15.83
N PHE A 74 -4.06 24.35 -14.58
CA PHE A 74 -4.90 24.97 -13.58
C PHE A 74 -5.11 26.48 -13.74
N SER A 75 -4.21 27.16 -14.43
CA SER A 75 -4.36 28.58 -14.69
C SER A 75 -5.10 28.77 -16.02
N ARG A 76 -5.02 27.77 -16.90
N ARG A 76 -5.03 27.80 -16.93
CA ARG A 76 -5.70 27.80 -18.19
CA ARG A 76 -5.76 27.93 -18.18
C ARG A 76 -7.19 27.46 -18.08
C ARG A 76 -7.19 27.39 -18.14
N TYR A 77 -7.50 26.54 -17.17
CA TYR A 77 -8.84 25.92 -17.09
C TYR A 77 -9.32 25.98 -15.68
N LYS A 78 -10.62 25.90 -15.46
CA LYS A 78 -11.13 25.91 -14.10
C LYS A 78 -11.27 24.47 -13.61
N LEU A 79 -10.30 24.02 -12.81
CA LEU A 79 -10.28 22.63 -12.36
C LEU A 79 -10.41 22.54 -10.82
N LYS A 80 -10.74 21.34 -10.33
CA LYS A 80 -10.65 21.03 -8.91
C LYS A 80 -10.15 19.58 -8.64
N TYR A 81 -9.51 19.39 -7.50
CA TYR A 81 -9.25 18.07 -6.95
C TYR A 81 -10.51 17.48 -6.31
N LEU A 82 -10.74 16.20 -6.52
CA LEU A 82 -11.75 15.47 -5.80
C LEU A 82 -11.19 15.22 -4.41
N ASP A 83 -11.98 15.50 -3.40
N ASP A 83 -11.98 15.51 -3.37
CA ASP A 83 -11.56 15.20 -2.05
CA ASP A 83 -11.55 15.21 -2.00
C ASP A 83 -11.09 13.76 -1.92
C ASP A 83 -11.08 13.78 -1.92
N ASP A 84 -10.00 13.59 -1.17
CA ASP A 84 -9.39 12.28 -0.96
C ASP A 84 -9.46 12.00 0.57
N PRO A 85 -10.66 11.69 1.09
CA PRO A 85 -10.73 11.48 2.57
C PRO A 85 -9.85 10.34 3.08
N LYS A 86 -9.74 9.24 2.33
CA LYS A 86 -8.83 8.18 2.72
C LYS A 86 -7.35 8.56 2.59
N GLN A 87 -7.03 9.76 2.12
CA GLN A 87 -5.63 10.10 1.88
C GLN A 87 -4.80 9.03 1.14
N SER A 88 -5.40 8.41 0.14
CA SER A 88 -4.70 7.49 -0.75
C SER A 88 -3.50 8.14 -1.47
N TYR A 89 -3.62 9.41 -1.81
CA TYR A 89 -2.53 10.14 -2.44
C TYR A 89 -1.56 10.72 -1.40
N GLY A 90 -1.84 10.51 -0.10
CA GLY A 90 -0.95 10.99 0.94
C GLY A 90 -0.98 12.49 1.27
N SER A 91 0.10 12.98 1.88
CA SER A 91 0.11 14.33 2.38
C SER A 91 1.52 14.95 2.36
N ALA A 92 1.60 16.28 2.25
CA ALA A 92 2.85 16.98 2.54
C ALA A 92 3.93 16.62 1.56
N GLU A 93 3.53 16.63 0.29
CA GLU A 93 4.43 16.25 -0.77
C GLU A 93 5.39 17.38 -1.09
N GLU A 94 6.64 17.06 -1.40
CA GLU A 94 7.63 18.05 -1.85
C GLU A 94 8.31 17.62 -3.15
N ILE A 95 9.10 18.52 -3.73
CA ILE A 95 9.97 18.22 -4.86
C ILE A 95 11.44 18.33 -4.45
N HIS A 96 12.20 17.25 -4.62
CA HIS A 96 13.58 17.18 -4.19
C HIS A 96 14.61 17.17 -5.30
N THR A 97 15.78 17.62 -4.90
CA THR A 97 16.99 17.62 -5.71
C THR A 97 17.87 16.48 -5.21
N ILE A 98 18.12 15.55 -6.12
CA ILE A 98 18.87 14.34 -5.84
C ILE A 98 20.11 14.27 -6.76
N THR A 99 21.18 13.63 -6.29
CA THR A 99 22.35 13.37 -7.14
C THR A 99 22.87 11.94 -7.00
N ARG A 100 23.73 11.51 -7.90
CA ARG A 100 24.54 10.34 -7.56
C ARG A 100 25.21 10.46 -6.17
N LYS A 101 25.41 9.31 -5.52
CA LYS A 101 26.05 9.27 -4.20
C LYS A 101 27.48 9.82 -4.23
N GLY A 102 27.80 10.69 -3.28
CA GLY A 102 29.05 11.42 -3.26
C GLY A 102 29.30 12.41 -4.39
N PHE A 103 28.25 13.00 -4.96
CA PHE A 103 28.47 13.96 -6.03
C PHE A 103 28.98 15.27 -5.42
N SER A 104 28.55 15.55 -4.20
CA SER A 104 28.95 16.75 -3.47
C SER A 104 30.41 16.67 -2.98
N LYS A 105 31.03 15.50 -3.15
CA LYS A 105 32.45 15.32 -2.85
C LYS A 105 33.31 15.59 -4.07
N GLU A 106 32.75 15.32 -5.24
CA GLU A 106 33.43 15.64 -6.48
C GLU A 106 33.27 17.13 -6.78
N GLN A 107 32.03 17.58 -6.91
CA GLN A 107 31.81 18.95 -7.36
C GLN A 107 30.95 19.69 -6.37
N PRO A 108 31.54 19.99 -5.19
CA PRO A 108 30.89 20.70 -4.08
C PRO A 108 30.34 22.06 -4.50
N ASN A 109 30.84 22.63 -5.58
CA ASN A 109 30.35 23.91 -6.04
C ASN A 109 28.96 23.75 -6.70
N ALA A 110 28.87 22.82 -7.65
CA ALA A 110 27.60 22.46 -8.29
C ALA A 110 26.57 21.91 -7.27
N ALA A 111 27.02 21.04 -6.38
CA ALA A 111 26.15 20.51 -5.37
C ALA A 111 25.52 21.62 -4.54
N LYS A 112 26.34 22.58 -4.12
CA LYS A 112 25.89 23.63 -3.23
C LYS A 112 24.85 24.53 -3.89
N LEU A 113 25.02 24.82 -5.18
CA LEU A 113 24.00 25.48 -5.98
C LEU A 113 22.67 24.70 -6.04
N LEU A 114 22.73 23.45 -6.53
CA LEU A 114 21.56 22.59 -6.54
C LEU A 114 20.92 22.61 -5.17
N SER A 115 21.71 22.58 -4.12
CA SER A 115 21.12 22.51 -2.80
C SER A 115 20.25 23.73 -2.48
N GLN A 116 20.50 24.83 -3.14
CA GLN A 116 19.96 26.13 -2.76
C GLN A 116 18.87 26.53 -3.73
N PHE A 117 18.73 25.78 -4.82
CA PHE A 117 17.65 25.99 -5.76
C PHE A 117 16.30 25.79 -5.08
N LYS A 118 15.49 26.85 -5.06
CA LYS A 118 14.10 26.69 -4.68
C LYS A 118 13.24 27.77 -5.31
N TRP A 119 11.94 27.56 -5.34
CA TRP A 119 11.06 28.47 -6.03
C TRP A 119 9.60 28.11 -5.78
N THR A 120 8.67 28.91 -6.28
CA THR A 120 7.25 28.71 -5.98
C THR A 120 6.52 28.22 -7.20
N GLN A 121 5.25 27.87 -7.02
CA GLN A 121 4.39 27.38 -8.10
C GLN A 121 4.12 28.42 -9.20
N ASP A 122 3.77 29.63 -8.78
CA ASP A 122 3.56 30.77 -9.67
C ASP A 122 4.79 31.01 -10.55
N GLU A 123 5.96 30.91 -9.93
CA GLU A 123 7.26 31.08 -10.59
C GLU A 123 7.52 30.01 -11.62
N MET A 124 7.42 28.75 -11.20
CA MET A 124 7.53 27.66 -12.16
C MET A 124 6.49 27.83 -13.28
N GLY A 125 5.29 28.25 -12.91
CA GLY A 125 4.24 28.50 -13.89
C GLY A 125 4.59 29.49 -15.00
N GLU A 126 5.35 30.54 -14.70
CA GLU A 126 5.76 31.50 -15.72
C GLU A 126 6.43 30.75 -16.87
N ILE A 127 7.24 29.76 -16.53
CA ILE A 127 7.97 29.02 -17.56
C ILE A 127 7.02 28.06 -18.27
N MET A 128 6.23 27.31 -17.51
CA MET A 128 5.32 26.31 -18.08
C MET A 128 4.34 26.85 -19.10
N ILE A 129 3.83 28.07 -18.88
CA ILE A 129 2.86 28.70 -19.77
C ILE A 129 3.43 28.99 -21.18
N LYS A 130 4.57 29.63 -21.18
CA LYS A 130 5.28 29.91 -22.41
C LYS A 130 5.74 28.65 -23.13
N VAL A 131 6.29 27.68 -22.39
CA VAL A 131 6.70 26.46 -23.04
C VAL A 131 5.48 25.82 -23.70
N GLU A 132 4.35 25.76 -23.00
CA GLU A 132 3.14 25.16 -23.55
C GLU A 132 2.62 25.94 -24.78
N GLU A 133 2.80 27.25 -24.79
CA GLU A 133 2.48 28.07 -25.95
C GLU A 133 3.39 27.87 -27.17
N GLY A 134 4.48 27.11 -27.03
CA GLY A 134 5.30 26.71 -28.17
C GLY A 134 6.73 27.28 -28.16
N GLU A 135 7.01 28.17 -27.22
CA GLU A 135 8.35 28.70 -27.04
C GLU A 135 9.34 27.63 -26.57
N LYS A 136 10.60 27.80 -26.91
CA LYS A 136 11.58 26.76 -26.64
C LYS A 136 12.11 26.87 -25.24
N PRO A 137 12.20 25.74 -24.54
CA PRO A 137 12.43 25.87 -23.11
C PRO A 137 13.76 26.54 -22.74
N ALA A 138 14.81 26.35 -23.52
CA ALA A 138 16.08 27.04 -23.24
C ALA A 138 15.92 28.56 -23.36
N LYS A 139 15.23 28.98 -24.42
CA LYS A 139 14.87 30.39 -24.59
C LYS A 139 14.05 30.95 -23.43
N VAL A 140 13.01 30.25 -23.01
CA VAL A 140 12.19 30.73 -21.90
C VAL A 140 12.93 30.79 -20.57
N ALA A 141 13.79 29.80 -20.35
CA ALA A 141 14.61 29.76 -19.17
C ALA A 141 15.56 30.97 -19.08
N ALA A 142 16.00 31.45 -20.24
CA ALA A 142 16.86 32.63 -20.29
C ALA A 142 16.09 33.85 -19.86
N GLU A 143 14.92 34.04 -20.47
CA GLU A 143 14.05 35.13 -20.08
C GLU A 143 13.83 35.12 -18.57
N TYR A 144 13.51 33.94 -18.03
CA TYR A 144 13.29 33.82 -16.58
C TYR A 144 14.44 34.33 -15.69
N VAL A 145 15.65 33.80 -15.91
CA VAL A 145 16.82 34.11 -15.08
C VAL A 145 17.25 35.57 -15.12
N ASN A 146 17.02 36.24 -16.26
CA ASN A 146 17.18 37.69 -16.33
C ASN A 146 16.11 38.41 -15.53
N LYS A 147 14.87 37.95 -15.68
CA LYS A 147 13.76 38.64 -15.06
C LYS A 147 13.75 38.43 -13.54
N HIS A 148 14.47 37.42 -13.06
CA HIS A 148 14.42 37.13 -11.64
C HIS A 148 15.79 37.30 -10.96
N LYS A 149 16.36 38.49 -11.12
CA LYS A 149 17.70 38.83 -10.66
C LYS A 149 17.89 38.54 -9.18
N ASP A 150 17.04 39.13 -8.33
CA ASP A 150 17.15 38.95 -6.88
C ASP A 150 17.12 37.47 -6.48
N GLN A 151 16.43 36.65 -7.27
CA GLN A 151 16.23 35.25 -6.90
C GLN A 151 17.47 34.43 -7.20
N ILE A 152 17.98 34.58 -8.42
CA ILE A 152 19.18 33.86 -8.84
C ILE A 152 20.34 34.11 -7.89
N ALA A 153 20.40 35.33 -7.36
CA ALA A 153 21.46 35.71 -6.45
C ALA A 153 21.39 34.87 -5.18
N GLU A 154 20.17 34.64 -4.71
CA GLU A 154 19.92 33.81 -3.56
C GLU A 154 20.46 32.38 -3.81
N TRP A 155 20.34 31.90 -5.05
CA TRP A 155 20.70 30.51 -5.38
C TRP A 155 22.20 30.34 -5.37
N THR A 156 22.89 31.40 -5.71
CA THR A 156 24.31 31.31 -6.01
C THR A 156 25.11 31.93 -4.89
N LYS A 157 24.48 32.11 -3.73
CA LYS A 157 25.21 32.57 -2.57
C LYS A 157 26.33 31.59 -2.17
N GLY A 158 27.56 31.95 -2.54
CA GLY A 158 28.72 31.14 -2.20
C GLY A 158 29.16 30.31 -3.37
N VAL A 159 28.69 30.66 -4.55
CA VAL A 159 28.86 29.80 -5.70
C VAL A 159 29.71 30.53 -6.70
N GLN A 160 30.68 29.82 -7.27
CA GLN A 160 31.73 30.41 -8.06
C GLN A 160 31.58 29.97 -9.49
N LYS A 161 32.17 30.70 -10.42
CA LYS A 161 32.19 30.28 -11.81
C LYS A 161 33.05 29.04 -12.01
N VAL A 162 33.12 28.58 -13.25
CA VAL A 162 33.93 27.42 -13.56
C VAL A 162 34.48 27.48 -14.97
N LYS A 163 35.21 26.43 -15.32
CA LYS A 163 35.92 26.34 -16.59
C LYS A 163 35.38 25.23 -17.50
N GLY A 164 34.07 25.13 -17.66
CA GLY A 164 33.51 24.15 -18.57
C GLY A 164 33.29 22.77 -17.98
N ASP A 165 33.36 22.68 -16.65
CA ASP A 165 33.11 21.42 -15.91
C ASP A 165 31.80 20.78 -16.34
N LYS A 166 31.85 19.50 -16.65
CA LYS A 166 30.68 18.80 -17.15
C LYS A 166 29.68 18.37 -16.06
N ILE A 167 28.40 18.65 -16.31
CA ILE A 167 27.31 18.20 -15.42
C ILE A 167 26.16 17.67 -16.28
N ASN A 168 25.74 16.43 -15.99
CA ASN A 168 24.65 15.79 -16.72
C ASN A 168 23.39 15.67 -15.85
N LEU A 169 22.37 16.45 -16.23
CA LEU A 169 21.08 16.51 -15.53
C LEU A 169 20.07 15.57 -16.19
N ALA A 170 19.64 14.54 -15.46
CA ALA A 170 18.55 13.65 -15.94
C ALA A 170 17.24 14.24 -15.53
N TYR A 171 16.25 14.06 -16.39
CA TYR A 171 14.94 14.61 -16.17
C TYR A 171 13.87 13.82 -16.92
N VAL A 172 12.66 13.84 -16.37
CA VAL A 172 11.49 13.24 -17.00
C VAL A 172 10.59 14.38 -17.59
N ALA A 173 10.05 14.18 -18.77
CA ALA A 173 9.40 15.26 -19.51
C ALA A 173 8.01 15.64 -19.00
N TRP A 174 7.77 15.60 -17.69
CA TRP A 174 6.61 16.24 -17.15
C TRP A 174 6.79 17.75 -17.32
N ASP A 175 5.67 18.47 -17.44
CA ASP A 175 5.71 19.89 -17.75
C ASP A 175 6.46 20.64 -16.66
N SER A 176 6.29 20.23 -15.40
CA SER A 176 6.91 20.92 -14.25
C SER A 176 8.42 20.77 -14.29
N GLU A 177 8.85 19.55 -14.60
CA GLU A 177 10.26 19.18 -14.52
C GLU A 177 11.03 19.64 -15.76
N ILE A 178 10.35 19.72 -16.89
CA ILE A 178 10.88 20.49 -17.99
C ILE A 178 11.31 21.90 -17.54
N ALA A 179 10.42 22.64 -16.88
CA ALA A 179 10.73 23.99 -16.39
C ALA A 179 11.87 24.03 -15.39
N SER A 180 11.75 23.29 -14.31
CA SER A 180 12.81 23.26 -13.31
C SER A 180 14.17 22.94 -13.93
N THR A 181 14.22 21.91 -14.73
CA THR A 181 15.47 21.43 -15.25
C THR A 181 16.08 22.50 -16.16
N ASN A 182 15.24 23.14 -16.97
CA ASN A 182 15.75 24.12 -17.89
C ASN A 182 16.21 25.37 -17.17
N VAL A 183 15.52 25.77 -16.10
CA VAL A 183 15.85 27.02 -15.42
C VAL A 183 17.25 26.84 -14.78
N ILE A 184 17.38 25.78 -13.98
CA ILE A 184 18.65 25.42 -13.36
C ILE A 184 19.73 25.00 -14.37
N GLY A 185 19.32 24.32 -15.45
CA GLY A 185 20.15 24.25 -16.64
C GLY A 185 20.80 25.60 -16.98
N LYS A 186 20.01 26.66 -17.14
CA LYS A 186 20.56 27.96 -17.53
C LYS A 186 21.54 28.52 -16.51
N VAL A 187 21.12 28.59 -15.25
CA VAL A 187 21.97 29.10 -14.18
C VAL A 187 23.32 28.34 -14.09
N LEU A 188 23.37 27.16 -14.70
CA LEU A 188 24.60 26.38 -14.71
C LEU A 188 25.46 26.82 -15.87
N GLU A 189 24.88 26.81 -17.06
CA GLU A 189 25.54 27.26 -18.28
C GLU A 189 26.09 28.71 -18.21
N ASP A 190 25.60 29.49 -17.26
CA ASP A 190 26.08 30.84 -17.11
C ASP A 190 27.25 30.80 -16.16
N LEU A 191 27.23 29.85 -15.24
CA LEU A 191 28.30 29.73 -14.26
C LEU A 191 29.56 29.11 -14.86
N GLY A 192 29.42 28.59 -16.08
CA GLY A 192 30.56 28.06 -16.79
C GLY A 192 30.53 26.57 -17.07
N TYR A 193 29.44 25.87 -16.71
CA TYR A 193 29.41 24.42 -16.90
C TYR A 193 29.01 24.04 -18.30
N GLU A 194 29.60 22.95 -18.79
CA GLU A 194 29.08 22.29 -19.97
C GLU A 194 27.91 21.39 -19.56
N VAL A 195 26.69 21.77 -19.95
CA VAL A 195 25.49 21.12 -19.44
C VAL A 195 24.85 20.12 -20.40
N THR A 196 24.66 18.90 -19.94
CA THR A 196 23.84 18.00 -20.72
C THR A 196 22.51 17.69 -19.99
N LEU A 197 21.44 17.62 -20.76
CA LEU A 197 20.16 17.23 -20.25
C LEU A 197 19.78 15.93 -20.92
N THR A 198 19.59 14.89 -20.11
CA THR A 198 19.23 13.57 -20.61
C THR A 198 17.78 13.25 -20.27
N GLN A 199 16.95 13.12 -21.29
CA GLN A 199 15.54 12.82 -21.10
C GLN A 199 15.40 11.33 -20.93
N VAL A 200 14.62 10.93 -19.94
CA VAL A 200 14.45 9.52 -19.64
C VAL A 200 13.12 9.37 -18.94
N GLU A 201 12.59 8.16 -18.93
N GLU A 201 12.63 8.13 -18.94
CA GLU A 201 11.33 7.95 -18.27
CA GLU A 201 11.40 7.76 -18.29
C GLU A 201 11.57 7.83 -16.75
C GLU A 201 11.59 7.76 -16.75
N ALA A 202 10.50 7.59 -16.01
CA ALA A 202 10.51 7.77 -14.55
C ALA A 202 11.46 6.81 -13.80
N GLY A 203 11.30 5.51 -14.00
CA GLY A 203 12.21 4.54 -13.40
C GLY A 203 13.65 4.65 -13.90
N PRO A 204 13.84 4.77 -15.21
CA PRO A 204 15.21 4.97 -15.70
C PRO A 204 15.86 6.22 -15.16
N MET A 205 15.08 7.28 -14.92
CA MET A 205 15.60 8.48 -14.27
C MET A 205 16.25 8.13 -12.93
N TRP A 206 15.53 7.39 -12.09
CA TRP A 206 16.07 6.97 -10.79
C TRP A 206 17.25 6.01 -10.94
N THR A 207 17.14 5.07 -11.87
CA THR A 207 18.20 4.13 -12.11
C THR A 207 19.46 4.85 -12.55
N ALA A 208 19.32 5.94 -13.32
CA ALA A 208 20.45 6.72 -13.80
C ALA A 208 21.17 7.48 -12.66
N ILE A 209 20.41 8.00 -11.70
CA ILE A 209 21.01 8.65 -10.56
C ILE A 209 21.68 7.64 -9.60
N ALA A 210 21.03 6.50 -9.40
CA ALA A 210 21.50 5.53 -8.44
C ALA A 210 22.70 4.73 -8.91
N THR A 211 22.94 4.67 -10.22
CA THR A 211 24.07 3.97 -10.79
C THR A 211 25.13 4.98 -11.13
N GLY A 212 24.72 6.18 -11.45
CA GLY A 212 25.66 7.25 -11.66
C GLY A 212 25.85 7.59 -13.13
N SER A 213 25.00 7.09 -14.01
CA SER A 213 25.04 7.44 -15.41
C SER A 213 24.55 8.87 -15.65
N ALA A 214 23.97 9.48 -14.62
CA ALA A 214 23.76 10.93 -14.63
C ALA A 214 24.15 11.52 -13.28
N ASP A 215 24.41 12.83 -13.25
CA ASP A 215 24.84 13.50 -12.00
C ASP A 215 23.73 13.91 -11.00
N ALA A 216 22.68 14.55 -11.52
CA ALA A 216 21.64 15.09 -10.64
C ALA A 216 20.25 15.08 -11.29
N SER A 217 19.22 15.31 -10.50
CA SER A 217 17.90 15.43 -11.08
C SER A 217 17.07 16.36 -10.22
N LEU A 218 16.19 17.09 -10.89
CA LEU A 218 15.24 17.95 -10.22
C LEU A 218 13.86 17.32 -10.13
N SER A 219 13.77 16.05 -10.49
CA SER A 219 12.52 15.41 -10.81
C SER A 219 11.99 14.46 -9.75
N ALA A 220 12.54 14.49 -8.54
CA ALA A 220 12.06 13.61 -7.48
C ALA A 220 10.87 14.22 -6.78
N TRP A 221 9.79 13.48 -6.74
CA TRP A 221 8.62 13.94 -6.02
C TRP A 221 8.51 13.04 -4.78
N LEU A 222 8.67 13.64 -3.59
CA LEU A 222 8.81 12.85 -2.36
C LEU A 222 8.07 13.43 -1.16
N PRO A 223 7.70 12.57 -0.20
CA PRO A 223 8.03 11.15 -0.01
C PRO A 223 7.04 10.16 -0.61
N ASN A 224 5.92 10.67 -1.10
CA ASN A 224 4.80 9.85 -1.51
C ASN A 224 4.89 9.35 -2.96
N THR A 225 5.10 10.27 -3.89
CA THR A 225 4.94 9.93 -5.31
C THR A 225 5.96 8.91 -5.75
N HIS A 226 7.21 9.09 -5.33
CA HIS A 226 8.29 8.24 -5.76
C HIS A 226 8.80 7.35 -4.63
N LYS A 227 7.92 7.02 -3.70
CA LYS A 227 8.29 6.16 -2.56
C LYS A 227 8.96 4.85 -2.94
N ALA A 228 8.38 4.09 -3.88
CA ALA A 228 8.95 2.81 -4.30
C ALA A 228 10.30 2.97 -4.97
N TYR A 229 10.46 3.99 -5.79
CA TYR A 229 11.78 4.21 -6.35
C TYR A 229 12.84 4.59 -5.29
N ALA A 230 12.48 5.47 -4.35
CA ALA A 230 13.38 5.82 -3.27
C ALA A 230 13.72 4.60 -2.40
N ALA A 231 12.70 3.85 -1.99
CA ALA A 231 12.92 2.63 -1.22
C ALA A 231 13.92 1.72 -1.97
N LYS A 232 13.61 1.40 -3.23
CA LYS A 232 14.42 0.48 -4.03
C LYS A 232 15.89 0.88 -4.03
N TYR A 233 16.17 2.17 -4.09
CA TYR A 233 17.55 2.64 -4.19
C TYR A 233 18.02 3.38 -2.93
N LYS A 234 17.45 3.05 -1.80
CA LYS A 234 17.93 3.61 -0.54
C LYS A 234 19.42 3.35 -0.32
N GLY A 235 20.16 4.43 -0.07
CA GLY A 235 21.57 4.34 0.17
C GLY A 235 22.39 4.63 -1.05
N LYS A 236 21.74 4.72 -2.20
CA LYS A 236 22.49 4.77 -3.45
C LYS A 236 22.41 6.11 -4.19
N TYR A 237 21.89 7.13 -3.51
CA TYR A 237 21.78 8.48 -4.06
C TYR A 237 21.79 9.42 -2.89
N ASP A 238 22.10 10.68 -3.16
CA ASP A 238 21.95 11.71 -2.15
C ASP A 238 20.74 12.62 -2.45
N ASP A 239 20.05 12.98 -1.37
CA ASP A 239 18.95 13.94 -1.37
C ASP A 239 19.38 15.27 -0.74
N ILE A 240 19.68 16.25 -1.56
CA ILE A 240 20.39 17.41 -1.06
C ILE A 240 19.57 18.71 -1.08
N GLY A 241 18.30 18.62 -1.44
CA GLY A 241 17.51 19.81 -1.65
C GLY A 241 16.02 19.62 -1.83
N THR A 242 15.32 20.67 -1.48
CA THR A 242 13.89 20.72 -1.62
C THR A 242 13.66 21.99 -2.42
N SER A 243 13.33 21.82 -3.69
CA SER A 243 13.03 22.94 -4.56
C SER A 243 11.61 23.52 -4.34
N MET A 244 10.67 22.74 -3.81
CA MET A 244 9.28 23.21 -3.63
C MET A 244 8.54 22.36 -2.60
N THR A 245 7.64 22.96 -1.86
CA THR A 245 6.79 22.22 -0.93
C THR A 245 5.34 22.54 -1.29
N GLY A 246 4.42 21.89 -0.60
CA GLY A 246 3.01 22.14 -0.78
C GLY A 246 2.46 21.61 -2.11
N VAL A 247 3.18 20.70 -2.77
CA VAL A 247 2.72 20.23 -4.09
C VAL A 247 1.66 19.15 -3.92
N LYS A 248 0.83 18.98 -4.94
CA LYS A 248 -0.33 18.11 -4.82
C LYS A 248 -0.52 17.22 -6.06
N MET A 249 -1.21 16.11 -5.82
CA MET A 249 -1.51 15.09 -6.80
C MET A 249 -2.81 14.39 -6.42
N GLY A 250 -3.55 13.95 -7.43
CA GLY A 250 -4.81 13.24 -7.22
C GLY A 250 -5.73 13.26 -8.43
N LEU A 251 -7.02 12.96 -8.25
CA LEU A 251 -7.99 13.00 -9.35
C LEU A 251 -8.57 14.41 -9.53
N VAL A 252 -8.56 14.87 -10.77
CA VAL A 252 -8.92 16.24 -11.10
C VAL A 252 -10.03 16.24 -12.12
N VAL A 253 -10.99 17.14 -11.90
CA VAL A 253 -12.12 17.36 -12.84
C VAL A 253 -12.36 18.85 -13.04
N PRO A 254 -12.98 19.20 -14.17
CA PRO A 254 -13.38 20.59 -14.45
C PRO A 254 -14.47 20.98 -13.47
N GLN A 255 -14.48 22.23 -13.05
CA GLN A 255 -15.42 22.69 -12.05
C GLN A 255 -16.86 22.55 -12.53
N TYR A 256 -17.07 22.48 -13.84
CA TYR A 256 -18.44 22.37 -14.32
C TYR A 256 -19.06 21.04 -14.01
N MET A 257 -18.29 20.11 -13.48
CA MET A 257 -18.88 18.89 -12.98
C MET A 257 -19.27 19.18 -11.52
N LYS A 258 -20.37 19.92 -11.35
CA LYS A 258 -20.72 20.42 -10.00
C LYS A 258 -20.98 19.35 -8.97
N ASN A 259 -21.58 18.25 -9.38
N ASN A 259 -21.59 18.26 -9.40
CA ASN A 259 -21.92 17.19 -8.44
CA ASN A 259 -21.97 17.16 -8.49
C ASN A 259 -20.93 16.02 -8.46
C ASN A 259 -20.85 16.15 -8.22
N VAL A 260 -19.69 16.32 -8.84
CA VAL A 260 -18.56 15.39 -8.62
C VAL A 260 -17.49 16.09 -7.76
N ASN A 261 -17.41 15.70 -6.48
CA ASN A 261 -16.52 16.42 -5.58
C ASN A 261 -15.58 15.60 -4.74
N SER A 262 -15.79 14.30 -4.72
CA SER A 262 -14.97 13.43 -3.89
C SER A 262 -14.73 12.18 -4.68
N ILE A 263 -13.61 11.50 -4.44
CA ILE A 263 -13.40 10.17 -5.03
C ILE A 263 -14.54 9.23 -4.63
N GLU A 264 -15.22 9.55 -3.53
CA GLU A 264 -16.31 8.69 -3.12
C GLU A 264 -17.49 8.79 -4.08
N ASP A 265 -17.75 9.99 -4.63
CA ASP A 265 -18.78 10.12 -5.66
C ASP A 265 -18.60 9.15 -6.82
N LEU A 266 -17.42 8.57 -7.00
CA LEU A 266 -17.21 7.67 -8.15
C LEU A 266 -17.76 6.27 -7.85
N LYS A 267 -18.14 6.04 -6.59
CA LYS A 267 -18.63 4.73 -6.15
C LYS A 267 -20.12 4.60 -6.44
N LYS A 268 -20.76 5.74 -6.65
CA LYS A 268 -22.20 5.81 -6.78
C LYS A 268 -22.70 5.23 -8.10
N ALA B 4 26.36 -24.43 6.51
CA ALA B 4 25.83 -23.78 5.32
C ALA B 4 24.86 -22.66 5.74
N SER B 5 24.67 -21.69 4.86
CA SER B 5 23.88 -20.51 5.19
C SER B 5 22.36 -20.65 4.95
N ALA B 6 21.58 -20.07 5.87
CA ALA B 6 20.13 -20.16 5.80
C ALA B 6 19.72 -19.96 4.38
N ALA B 7 20.31 -18.93 3.77
CA ALA B 7 19.97 -18.53 2.41
C ALA B 7 20.20 -19.63 1.36
N GLU B 8 21.33 -20.32 1.47
CA GLU B 8 21.65 -21.33 0.50
C GLU B 8 20.85 -22.63 0.80
N GLN B 9 20.68 -22.91 2.08
CA GLN B 9 19.85 -24.01 2.56
C GLN B 9 18.48 -24.05 1.94
N VAL B 10 17.90 -22.88 1.66
CA VAL B 10 16.54 -22.84 1.09
C VAL B 10 16.47 -22.04 -0.18
N ASN B 11 17.63 -21.76 -0.75
CA ASN B 11 17.67 -21.01 -2.00
C ASN B 11 16.98 -19.67 -1.89
N LYS B 12 16.99 -19.10 -0.69
CA LYS B 12 16.49 -17.76 -0.52
C LYS B 12 15.00 -17.67 -0.85
N THR B 13 14.28 -18.72 -0.51
CA THR B 13 12.86 -18.78 -0.79
C THR B 13 12.07 -18.98 0.52
N ILE B 14 10.98 -18.24 0.66
CA ILE B 14 10.04 -18.44 1.76
C ILE B 14 8.74 -18.93 1.22
N ILE B 15 8.19 -19.99 1.82
CA ILE B 15 6.89 -20.53 1.44
C ILE B 15 5.76 -19.85 2.22
N GLY B 16 4.90 -19.18 1.47
CA GLY B 16 3.87 -18.33 2.02
C GLY B 16 2.51 -18.94 1.86
N ILE B 17 1.47 -18.09 1.96
CA ILE B 17 0.09 -18.54 1.82
C ILE B 17 -0.71 -17.60 0.88
N ASP B 18 -2.03 -17.57 0.99
CA ASP B 18 -2.84 -16.72 0.12
C ASP B 18 -2.27 -15.32 0.06
N PRO B 19 -2.24 -14.75 -1.15
CA PRO B 19 -1.52 -13.48 -1.31
C PRO B 19 -2.18 -12.25 -0.64
N GLY B 20 -3.49 -12.23 -0.54
CA GLY B 20 -4.20 -11.17 0.17
C GLY B 20 -4.11 -11.17 1.71
N SER B 21 -3.46 -12.17 2.29
CA SER B 21 -3.40 -12.24 3.75
C SER B 21 -2.50 -11.13 4.32
N GLY B 22 -2.81 -10.69 5.53
CA GLY B 22 -1.95 -9.72 6.22
C GLY B 22 -0.56 -10.26 6.55
N ILE B 23 -0.45 -11.55 6.86
CA ILE B 23 0.88 -12.08 7.17
C ILE B 23 1.81 -11.97 5.94
N MET B 24 1.25 -12.02 4.75
CA MET B 24 2.10 -11.91 3.56
C MET B 24 2.60 -10.49 3.41
N SER B 25 1.76 -9.49 3.69
CA SER B 25 2.28 -8.13 3.61
C SER B 25 3.23 -7.82 4.78
N LEU B 26 2.97 -8.34 5.98
CA LEU B 26 3.94 -8.25 7.04
C LEU B 26 5.28 -8.91 6.62
N THR B 27 5.20 -10.03 5.92
CA THR B 27 6.42 -10.71 5.50
C THR B 27 7.17 -9.88 4.40
N ASP B 28 6.44 -9.32 3.43
CA ASP B 28 6.99 -8.36 2.47
C ASP B 28 7.77 -7.23 3.14
N LYS B 29 7.13 -6.60 4.13
CA LYS B 29 7.77 -5.59 5.01
C LYS B 29 9.00 -6.11 5.73
N ALA B 30 8.91 -7.29 6.33
CA ALA B 30 10.09 -7.83 6.98
C ALA B 30 11.21 -8.07 5.96
N MET B 31 10.90 -8.46 4.72
CA MET B 31 11.99 -8.69 3.75
C MET B 31 12.73 -7.34 3.47
N LYS B 32 11.96 -6.27 3.32
CA LYS B 32 12.52 -4.92 3.31
C LYS B 32 13.23 -4.49 4.62
N ASP B 33 12.62 -4.68 5.79
CA ASP B 33 13.29 -4.31 7.06
C ASP B 33 14.64 -4.99 7.28
N TYR B 34 14.86 -6.19 6.70
CA TYR B 34 16.06 -6.96 7.01
C TYR B 34 17.05 -7.12 5.83
N ASP B 35 16.78 -6.42 4.74
CA ASP B 35 17.61 -6.43 3.54
C ASP B 35 17.69 -7.74 2.78
N LEU B 36 16.54 -8.35 2.56
CA LEU B 36 16.44 -9.62 1.88
C LEU B 36 15.73 -9.42 0.54
N ASN B 37 16.06 -8.33 -0.14
CA ASN B 37 15.31 -7.93 -1.35
C ASN B 37 15.59 -8.87 -2.54
N ASP B 38 16.63 -9.69 -2.42
CA ASP B 38 16.93 -10.75 -3.37
C ASP B 38 16.17 -12.07 -3.14
N TRP B 39 15.38 -12.12 -2.06
CA TRP B 39 14.67 -13.35 -1.66
C TRP B 39 13.33 -13.45 -2.35
N THR B 40 12.71 -14.63 -2.30
CA THR B 40 11.44 -14.83 -2.99
C THR B 40 10.41 -15.35 -2.04
N LEU B 41 9.28 -14.67 -2.02
CA LEU B 41 8.19 -15.10 -1.19
C LEU B 41 7.15 -15.74 -2.11
N ILE B 42 6.92 -17.03 -1.90
CA ILE B 42 6.01 -17.78 -2.76
C ILE B 42 4.60 -17.70 -2.28
N SER B 43 3.73 -17.08 -3.08
CA SER B 43 2.29 -17.12 -2.80
C SER B 43 1.74 -18.53 -3.01
N ALA B 44 0.82 -18.93 -2.12
CA ALA B 44 0.19 -20.23 -2.20
C ALA B 44 -1.16 -20.18 -1.49
N SER B 45 -1.29 -20.98 -0.45
CA SER B 45 -2.53 -21.06 0.35
C SER B 45 -2.23 -21.85 1.66
N SER B 46 -3.12 -21.77 2.63
CA SER B 46 -2.91 -22.50 3.87
C SER B 46 -2.58 -23.98 3.63
N ALA B 47 -3.36 -24.65 2.80
CA ALA B 47 -3.27 -26.11 2.74
C ALA B 47 -2.03 -26.53 1.98
N ALA B 48 -1.63 -25.72 1.00
CA ALA B 48 -0.41 -25.98 0.22
C ALA B 48 0.87 -25.67 1.02
N MET B 49 0.82 -24.63 1.86
CA MET B 49 1.96 -24.33 2.72
C MET B 49 2.21 -25.53 3.66
N THR B 50 1.18 -26.04 4.30
CA THR B 50 1.38 -27.19 5.23
C THR B 50 1.63 -28.57 4.58
N ALA B 51 1.22 -28.78 3.35
CA ALA B 51 1.62 -29.99 2.62
C ALA B 51 3.08 -29.85 2.22
N THR B 52 3.51 -28.63 1.93
CA THR B 52 4.90 -28.42 1.54
C THR B 52 5.79 -28.62 2.78
N LEU B 53 5.42 -28.01 3.89
CA LEU B 53 6.10 -28.27 5.17
C LEU B 53 6.20 -29.78 5.50
N LYS B 54 5.08 -30.48 5.38
CA LYS B 54 5.07 -31.91 5.63
C LYS B 54 6.16 -32.65 4.84
N LYS B 55 6.15 -32.43 3.53
CA LYS B 55 7.16 -33.06 2.68
C LYS B 55 8.53 -32.73 3.15
N SER B 56 8.80 -31.45 3.35
CA SER B 56 10.16 -31.08 3.72
C SER B 56 10.55 -31.69 5.08
N TYR B 57 9.63 -31.56 6.02
CA TYR B 57 9.89 -31.98 7.38
C TYR B 57 10.14 -33.47 7.46
N ASP B 58 9.40 -34.24 6.65
CA ASP B 58 9.56 -35.68 6.66
C ASP B 58 10.94 -36.08 6.20
N ARG B 59 11.53 -35.26 5.33
CA ARG B 59 12.85 -35.54 4.76
C ARG B 59 13.98 -34.76 5.41
N LYS B 60 13.67 -34.08 6.52
CA LYS B 60 14.60 -33.15 7.19
C LYS B 60 15.24 -32.13 6.24
N LYS B 61 14.52 -31.70 5.20
CA LYS B 61 14.97 -30.57 4.38
C LYS B 61 14.68 -29.22 5.05
N PRO B 62 15.59 -28.26 4.86
CA PRO B 62 15.38 -26.91 5.40
C PRO B 62 14.20 -26.31 4.71
N ILE B 63 13.38 -25.58 5.46
CA ILE B 63 12.30 -24.80 4.89
C ILE B 63 12.00 -23.61 5.82
N ILE B 64 11.53 -22.50 5.24
CA ILE B 64 11.05 -21.34 5.97
C ILE B 64 9.62 -21.02 5.55
N ILE B 65 8.66 -21.08 6.48
CA ILE B 65 7.31 -20.72 6.15
C ILE B 65 6.80 -19.43 6.82
N THR B 66 5.74 -18.88 6.29
CA THR B 66 4.98 -17.86 7.00
C THR B 66 4.04 -18.58 7.98
N GLY B 67 4.37 -18.63 9.26
CA GLY B 67 3.50 -19.26 10.23
C GLY B 67 2.82 -18.36 11.22
N TRP B 68 1.79 -18.90 11.89
CA TRP B 68 1.11 -18.19 12.97
C TRP B 68 0.73 -19.16 14.06
N THR B 69 0.40 -18.59 15.22
CA THR B 69 -0.18 -19.36 16.32
C THR B 69 -1.39 -18.56 16.80
N PRO B 70 -2.50 -19.22 17.03
CA PRO B 70 -2.76 -20.66 17.00
C PRO B 70 -2.78 -21.34 15.62
N HIS B 71 -2.11 -22.50 15.58
CA HIS B 71 -2.05 -23.41 14.43
C HIS B 71 -1.69 -24.81 14.93
N TRP B 72 -2.42 -25.81 14.49
CA TRP B 72 -2.09 -27.23 14.77
C TRP B 72 -0.67 -27.66 14.33
N MET B 73 -0.01 -26.99 13.41
CA MET B 73 1.24 -27.56 12.90
C MET B 73 2.27 -27.55 14.02
N PHE B 74 2.08 -26.67 15.01
CA PHE B 74 2.97 -26.59 16.17
C PHE B 74 2.83 -27.79 17.10
N SER B 75 1.67 -28.45 17.10
CA SER B 75 1.52 -29.68 17.85
C SER B 75 1.99 -30.92 17.09
N ARG B 76 1.99 -30.89 15.77
N ARG B 76 1.94 -30.90 15.77
CA ARG B 76 2.43 -32.05 15.03
CA ARG B 76 2.41 -32.04 14.97
C ARG B 76 3.92 -32.01 14.68
C ARG B 76 3.93 -32.00 14.76
N TYR B 77 4.46 -30.82 14.45
CA TYR B 77 5.86 -30.67 14.08
C TYR B 77 6.60 -29.86 15.15
N LYS B 78 7.91 -30.12 15.26
CA LYS B 78 8.76 -29.39 16.18
C LYS B 78 9.24 -28.17 15.43
N LEU B 79 8.58 -27.04 15.68
CA LEU B 79 8.81 -25.83 14.90
C LEU B 79 9.30 -24.70 15.81
N LYS B 80 9.85 -23.64 15.21
CA LYS B 80 10.21 -22.46 16.00
C LYS B 80 10.12 -21.13 15.20
N TYR B 81 9.69 -20.05 15.88
CA TYR B 81 9.70 -18.71 15.28
C TYR B 81 11.12 -18.20 15.18
N LEU B 82 11.48 -17.63 14.04
CA LEU B 82 12.67 -16.81 13.94
C LEU B 82 12.50 -15.50 14.75
N ASP B 83 13.48 -15.21 15.59
CA ASP B 83 13.56 -13.91 16.25
C ASP B 83 13.38 -12.74 15.27
N ASP B 84 12.54 -11.79 15.70
CA ASP B 84 12.19 -10.59 14.95
C ASP B 84 12.56 -9.39 15.81
N PRO B 85 13.89 -9.15 16.03
CA PRO B 85 14.39 -8.06 16.87
C PRO B 85 13.93 -6.70 16.37
N LYS B 86 13.59 -6.63 15.09
CA LYS B 86 13.12 -5.39 14.52
C LYS B 86 11.62 -5.19 14.67
N GLN B 87 10.92 -6.23 15.13
CA GLN B 87 9.45 -6.21 15.24
C GLN B 87 8.66 -5.80 13.93
N SER B 88 9.17 -6.18 12.76
CA SER B 88 8.37 -6.06 11.52
C SER B 88 6.95 -6.68 11.70
N TYR B 89 6.86 -7.78 12.45
CA TYR B 89 5.58 -8.39 12.70
C TYR B 89 4.78 -7.77 13.81
N GLY B 90 5.33 -6.80 14.52
CA GLY B 90 4.51 -6.10 15.51
C GLY B 90 4.48 -6.83 16.84
N SER B 91 3.49 -6.49 17.65
CA SER B 91 3.40 -7.01 19.00
C SER B 91 1.96 -6.90 19.45
N ALA B 92 1.65 -7.68 20.47
CA ALA B 92 0.34 -7.61 21.13
C ALA B 92 -0.85 -7.83 20.16
N GLU B 93 -0.77 -8.89 19.33
CA GLU B 93 -1.80 -9.13 18.32
C GLU B 93 -3.00 -9.83 18.97
N GLU B 94 -4.19 -9.62 18.42
CA GLU B 94 -5.37 -10.34 18.90
C GLU B 94 -6.27 -10.82 17.74
N ILE B 95 -7.21 -11.72 18.03
CA ILE B 95 -8.29 -11.98 17.09
C ILE B 95 -9.54 -11.24 17.53
N HIS B 96 -10.12 -10.45 16.62
CA HIS B 96 -11.33 -9.71 16.96
C HIS B 96 -12.57 -10.23 16.24
N THR B 97 -13.72 -9.90 16.80
CA THR B 97 -14.99 -10.25 16.20
C THR B 97 -15.60 -8.99 15.60
N ILE B 98 -15.88 -8.97 14.30
CA ILE B 98 -16.35 -7.74 13.65
C ILE B 98 -17.73 -7.89 12.96
N THR B 99 -18.47 -6.78 12.81
CA THR B 99 -19.81 -6.86 12.19
C THR B 99 -19.98 -5.71 11.28
N ARG B 100 -20.91 -5.84 10.36
CA ARG B 100 -21.37 -4.69 9.61
C ARG B 100 -21.88 -3.62 10.59
N LYS B 101 -21.77 -2.35 10.18
CA LYS B 101 -22.13 -1.21 11.00
C LYS B 101 -23.63 -1.28 11.37
N GLY B 102 -23.92 -1.09 12.66
CA GLY B 102 -25.28 -1.11 13.18
C GLY B 102 -25.95 -2.46 13.42
N PHE B 103 -25.23 -3.56 13.25
CA PHE B 103 -25.77 -4.90 13.51
C PHE B 103 -26.11 -5.06 15.00
N SER B 104 -25.31 -4.42 15.85
CA SER B 104 -25.48 -4.43 17.28
C SER B 104 -26.86 -3.95 17.71
N LYS B 105 -27.34 -2.88 17.06
CA LYS B 105 -28.64 -2.29 17.43
C LYS B 105 -29.79 -2.96 16.68
N GLU B 106 -29.49 -3.64 15.58
CA GLU B 106 -30.51 -4.32 14.78
C GLU B 106 -30.79 -5.75 15.26
N GLN B 107 -29.72 -6.49 15.57
CA GLN B 107 -29.82 -7.84 16.11
C GLN B 107 -29.04 -7.94 17.40
N PRO B 108 -29.50 -7.24 18.45
CA PRO B 108 -28.78 -7.10 19.73
C PRO B 108 -28.56 -8.42 20.46
N ASN B 109 -29.40 -9.42 20.21
CA ASN B 109 -29.26 -10.72 20.85
C ASN B 109 -28.00 -11.38 20.34
N ALA B 110 -28.06 -11.80 19.07
CA ALA B 110 -26.89 -12.27 18.33
C ALA B 110 -25.64 -11.47 18.61
N ALA B 111 -25.79 -10.15 18.74
CA ALA B 111 -24.64 -9.29 18.99
C ALA B 111 -24.02 -9.52 20.37
N LYS B 112 -24.86 -9.81 21.37
CA LYS B 112 -24.34 -10.08 22.72
C LYS B 112 -23.48 -11.36 22.73
N LEU B 113 -23.96 -12.39 22.04
CA LEU B 113 -23.28 -13.69 21.96
C LEU B 113 -21.91 -13.54 21.28
N LEU B 114 -21.92 -13.09 20.03
CA LEU B 114 -20.67 -12.83 19.33
C LEU B 114 -19.69 -12.10 20.22
N SER B 115 -20.22 -11.25 21.08
CA SER B 115 -19.39 -10.38 21.89
C SER B 115 -18.78 -11.14 23.09
N GLN B 116 -19.41 -12.24 23.46
CA GLN B 116 -18.95 -12.94 24.65
C GLN B 116 -18.11 -14.15 24.27
N PHE B 117 -17.90 -14.30 22.96
CA PHE B 117 -17.13 -15.40 22.41
C PHE B 117 -15.66 -15.20 22.70
N LYS B 118 -15.11 -16.08 23.54
N LYS B 118 -15.09 -16.08 23.53
CA LYS B 118 -13.69 -16.10 23.88
CA LYS B 118 -13.66 -16.06 23.90
C LYS B 118 -13.23 -17.55 23.97
C LYS B 118 -13.16 -17.48 24.15
N TRP B 119 -11.94 -17.78 23.74
CA TRP B 119 -11.32 -19.07 24.03
C TRP B 119 -9.82 -18.97 23.90
N THR B 120 -9.14 -20.11 24.08
CA THR B 120 -7.68 -20.20 24.07
C THR B 120 -7.11 -21.04 22.93
N GLN B 121 -5.82 -20.90 22.74
CA GLN B 121 -5.12 -21.60 21.67
C GLN B 121 -5.30 -23.10 21.74
N ASP B 122 -5.19 -23.62 22.95
CA ASP B 122 -5.30 -25.04 23.18
C ASP B 122 -6.77 -25.56 22.94
N GLU B 123 -7.77 -24.73 23.23
CA GLU B 123 -9.15 -25.11 22.91
C GLU B 123 -9.41 -25.12 21.39
N MET B 124 -8.95 -24.08 20.69
CA MET B 124 -9.07 -23.99 19.25
C MET B 124 -8.29 -25.12 18.62
N GLY B 125 -7.15 -25.43 19.22
CA GLY B 125 -6.32 -26.54 18.79
C GLY B 125 -7.09 -27.84 18.72
N GLU B 126 -7.97 -28.06 19.71
CA GLU B 126 -8.77 -29.27 19.78
C GLU B 126 -9.58 -29.37 18.48
N ILE B 127 -10.17 -28.24 18.06
CA ILE B 127 -10.97 -28.33 16.84
C ILE B 127 -10.02 -28.47 15.64
N MET B 128 -8.96 -27.68 15.63
CA MET B 128 -8.09 -27.68 14.47
C MET B 128 -7.53 -29.11 14.18
N ILE B 129 -7.16 -29.81 15.23
CA ILE B 129 -6.46 -31.07 15.03
C ILE B 129 -7.41 -32.09 14.40
N LYS B 130 -8.66 -32.11 14.88
CA LYS B 130 -9.67 -33.04 14.32
C LYS B 130 -10.02 -32.73 12.86
N VAL B 131 -10.07 -31.44 12.51
CA VAL B 131 -10.34 -31.05 11.13
C VAL B 131 -9.17 -31.48 10.19
N GLU B 132 -7.94 -31.27 10.64
CA GLU B 132 -6.77 -31.61 9.81
C GLU B 132 -6.76 -33.10 9.48
N GLU B 133 -7.32 -33.90 10.39
CA GLU B 133 -7.44 -35.34 10.20
C GLU B 133 -8.65 -35.83 9.36
N GLY B 134 -9.38 -34.92 8.72
CA GLY B 134 -10.44 -35.34 7.82
C GLY B 134 -11.84 -35.26 8.38
N GLU B 135 -11.98 -35.08 9.69
CA GLU B 135 -13.33 -34.86 10.24
C GLU B 135 -14.00 -33.54 9.75
N LYS B 136 -15.32 -33.53 9.72
CA LYS B 136 -16.07 -32.39 9.20
C LYS B 136 -16.22 -31.30 10.26
N PRO B 137 -15.89 -30.06 9.88
CA PRO B 137 -15.94 -28.97 10.85
C PRO B 137 -17.30 -28.85 11.59
N ALA B 138 -18.41 -29.04 10.91
CA ALA B 138 -19.68 -28.95 11.64
C ALA B 138 -19.70 -29.99 12.76
N LYS B 139 -19.31 -31.21 12.40
CA LYS B 139 -19.33 -32.31 13.36
C LYS B 139 -18.38 -32.04 14.52
N VAL B 140 -17.14 -31.64 14.20
CA VAL B 140 -16.17 -31.38 15.25
C VAL B 140 -16.70 -30.28 16.16
N ALA B 141 -17.40 -29.30 15.59
CA ALA B 141 -17.96 -28.20 16.37
C ALA B 141 -19.09 -28.69 17.29
N ALA B 142 -19.91 -29.60 16.76
CA ALA B 142 -20.89 -30.29 17.58
C ALA B 142 -20.20 -30.92 18.81
N GLU B 143 -19.24 -31.81 18.57
N GLU B 143 -19.23 -31.80 18.56
CA GLU B 143 -18.53 -32.47 19.68
CA GLU B 143 -18.53 -32.47 19.64
C GLU B 143 -18.03 -31.42 20.66
C GLU B 143 -18.00 -31.44 20.64
N TYR B 144 -17.53 -30.31 20.14
CA TYR B 144 -16.87 -29.33 21.00
C TYR B 144 -17.86 -28.69 21.96
N VAL B 145 -19.01 -28.30 21.45
CA VAL B 145 -19.97 -27.61 22.30
C VAL B 145 -20.53 -28.53 23.40
N ASN B 146 -20.48 -29.85 23.19
CA ASN B 146 -20.85 -30.80 24.23
C ASN B 146 -19.83 -30.93 25.32
N LYS B 147 -18.60 -31.10 24.88
CA LYS B 147 -17.53 -31.35 25.80
C LYS B 147 -17.23 -30.12 26.64
N HIS B 148 -17.63 -28.94 26.16
CA HIS B 148 -17.24 -27.68 26.80
C HIS B 148 -18.50 -26.88 27.20
N LYS B 149 -19.54 -27.59 27.66
CA LYS B 149 -20.83 -27.02 28.08
C LYS B 149 -20.72 -25.89 29.13
N ASP B 150 -19.75 -25.96 30.04
CA ASP B 150 -19.46 -24.87 31.00
C ASP B 150 -18.93 -23.56 30.36
N GLN B 151 -18.28 -23.68 29.22
CA GLN B 151 -17.76 -22.50 28.51
C GLN B 151 -18.89 -21.99 27.61
N ILE B 152 -19.61 -22.88 26.92
CA ILE B 152 -20.65 -22.47 25.99
C ILE B 152 -21.83 -21.74 26.65
N ALA B 153 -22.13 -22.13 27.89
CA ALA B 153 -23.22 -21.49 28.60
C ALA B 153 -22.78 -20.09 28.98
N GLU B 154 -21.50 -19.95 29.29
CA GLU B 154 -20.83 -18.67 29.59
C GLU B 154 -20.84 -17.71 28.36
N TRP B 155 -20.81 -18.26 27.13
CA TRP B 155 -20.91 -17.44 25.92
C TRP B 155 -22.33 -16.99 25.67
N THR B 156 -23.28 -17.80 26.11
CA THR B 156 -24.68 -17.47 25.97
C THR B 156 -25.23 -16.74 27.21
N LYS B 157 -24.37 -16.46 28.17
CA LYS B 157 -24.80 -15.77 29.38
C LYS B 157 -25.76 -14.64 28.99
N GLY B 158 -27.02 -14.75 29.40
CA GLY B 158 -28.00 -13.71 29.12
C GLY B 158 -28.31 -13.59 27.64
N VAL B 159 -28.64 -14.70 27.00
CA VAL B 159 -28.91 -14.68 25.57
C VAL B 159 -30.09 -15.59 25.23
N GLN B 160 -31.11 -15.02 24.63
CA GLN B 160 -32.38 -15.69 24.43
C GLN B 160 -32.27 -16.59 23.20
N LYS B 161 -33.36 -17.25 22.82
CA LYS B 161 -33.37 -18.04 21.59
C LYS B 161 -34.28 -17.41 20.54
N VAL B 162 -34.14 -17.85 19.30
CA VAL B 162 -34.83 -17.18 18.20
C VAL B 162 -35.54 -18.15 17.28
N LYS B 163 -36.34 -17.59 16.37
CA LYS B 163 -37.17 -18.37 15.47
C LYS B 163 -36.68 -18.31 14.03
N GLY B 164 -35.50 -18.84 13.80
CA GLY B 164 -35.00 -18.95 12.45
C GLY B 164 -34.43 -17.65 11.93
N ASP B 165 -34.25 -16.69 12.83
CA ASP B 165 -33.52 -15.46 12.53
C ASP B 165 -32.24 -15.78 11.77
N LYS B 166 -32.12 -15.21 10.56
CA LYS B 166 -30.96 -15.39 9.73
C LYS B 166 -29.69 -14.63 10.19
N ILE B 167 -28.54 -15.27 10.02
CA ILE B 167 -27.26 -14.63 10.24
C ILE B 167 -26.23 -15.21 9.27
N ASN B 168 -25.28 -14.37 8.84
CA ASN B 168 -24.34 -14.70 7.78
C ASN B 168 -22.92 -14.40 8.25
N LEU B 169 -22.16 -15.44 8.54
CA LEU B 169 -20.80 -15.26 9.01
C LEU B 169 -19.85 -15.37 7.85
N ALA B 170 -19.15 -14.27 7.58
CA ALA B 170 -18.04 -14.29 6.64
C ALA B 170 -16.74 -14.86 7.29
N TYR B 171 -16.01 -15.68 6.56
CA TYR B 171 -14.72 -16.13 7.05
C TYR B 171 -13.78 -16.38 5.92
N VAL B 172 -12.52 -16.49 6.30
CA VAL B 172 -11.45 -16.88 5.41
C VAL B 172 -10.99 -18.25 5.89
N ALA B 173 -10.64 -19.12 4.94
CA ALA B 173 -10.32 -20.52 5.22
C ALA B 173 -8.87 -20.76 5.71
N TRP B 174 -8.43 -19.93 6.64
CA TRP B 174 -7.31 -20.25 7.51
C TRP B 174 -7.81 -21.27 8.52
N ASP B 175 -6.89 -22.12 8.98
CA ASP B 175 -7.22 -23.29 9.80
C ASP B 175 -7.84 -22.76 11.07
N SER B 176 -7.17 -21.79 11.70
CA SER B 176 -7.71 -21.18 12.90
C SER B 176 -9.13 -20.63 12.71
N GLU B 177 -9.39 -19.87 11.64
CA GLU B 177 -10.74 -19.28 11.42
C GLU B 177 -11.81 -20.27 10.96
N ILE B 178 -11.41 -21.39 10.34
CA ILE B 178 -12.36 -22.50 10.20
C ILE B 178 -12.90 -23.05 11.55
N ALA B 179 -12.02 -23.21 12.52
CA ALA B 179 -12.41 -23.67 13.85
C ALA B 179 -13.40 -22.70 14.45
N SER B 180 -12.97 -21.46 14.62
CA SER B 180 -13.76 -20.47 15.35
C SER B 180 -15.09 -20.23 14.67
N THR B 181 -15.09 -20.21 13.33
CA THR B 181 -16.32 -19.85 12.63
C THR B 181 -17.31 -21.01 12.66
N ASN B 182 -16.84 -22.24 12.57
CA ASN B 182 -17.76 -23.38 12.65
C ASN B 182 -18.27 -23.57 14.08
N VAL B 183 -17.42 -23.31 15.06
CA VAL B 183 -17.84 -23.52 16.43
C VAL B 183 -18.79 -22.43 16.94
N ILE B 184 -18.69 -21.23 16.40
CA ILE B 184 -19.57 -20.15 16.82
C ILE B 184 -20.88 -20.31 16.07
N GLY B 185 -20.77 -20.71 14.82
CA GLY B 185 -21.94 -20.96 13.97
C GLY B 185 -22.83 -22.12 14.44
N LYS B 186 -22.28 -23.02 15.22
CA LYS B 186 -23.02 -24.16 15.71
C LYS B 186 -23.76 -23.68 16.96
N VAL B 187 -23.06 -22.96 17.84
CA VAL B 187 -23.69 -22.33 18.97
C VAL B 187 -24.77 -21.35 18.55
N LEU B 188 -24.67 -20.80 17.34
CA LEU B 188 -25.73 -19.91 16.86
C LEU B 188 -26.92 -20.74 16.44
N GLU B 189 -26.66 -21.80 15.70
CA GLU B 189 -27.72 -22.70 15.29
C GLU B 189 -28.48 -23.31 16.47
N ASP B 190 -27.75 -23.72 17.50
CA ASP B 190 -28.38 -24.44 18.59
C ASP B 190 -29.28 -23.47 19.32
N LEU B 191 -29.07 -22.20 19.01
CA LEU B 191 -29.77 -21.13 19.68
C LEU B 191 -31.03 -20.74 18.89
N GLY B 192 -31.22 -21.33 17.70
CA GLY B 192 -32.39 -21.06 16.88
C GLY B 192 -32.13 -20.46 15.49
N TYR B 193 -31.00 -19.79 15.34
CA TYR B 193 -30.68 -19.04 14.13
C TYR B 193 -30.55 -19.90 12.91
N GLU B 194 -30.86 -19.31 11.75
CA GLU B 194 -30.47 -19.93 10.49
C GLU B 194 -29.13 -19.36 9.98
N VAL B 195 -28.06 -20.03 10.39
CA VAL B 195 -26.69 -19.63 10.09
C VAL B 195 -26.23 -20.04 8.68
N THR B 196 -25.73 -19.05 7.97
CA THR B 196 -25.04 -19.25 6.70
C THR B 196 -23.55 -18.96 6.95
N LEU B 197 -22.67 -19.73 6.30
CA LEU B 197 -21.24 -19.48 6.39
C LEU B 197 -20.74 -19.09 5.01
N THR B 198 -20.16 -17.90 4.89
CA THR B 198 -19.64 -17.49 3.58
C THR B 198 -18.11 -17.42 3.55
N GLN B 199 -17.53 -18.24 2.68
CA GLN B 199 -16.10 -18.35 2.59
C GLN B 199 -15.61 -17.40 1.50
N VAL B 200 -14.82 -16.42 1.92
CA VAL B 200 -14.19 -15.45 1.04
C VAL B 200 -12.73 -15.28 1.34
N GLU B 201 -12.04 -14.65 0.39
N GLU B 201 -12.04 -14.68 0.36
CA GLU B 201 -10.65 -14.32 0.55
CA GLU B 201 -10.65 -14.26 0.52
C GLU B 201 -10.55 -13.09 1.51
C GLU B 201 -10.56 -13.11 1.55
N ALA B 202 -9.35 -12.81 2.04
CA ALA B 202 -9.19 -11.81 3.08
C ALA B 202 -9.81 -10.41 2.77
N GLY B 203 -9.43 -9.82 1.63
CA GLY B 203 -9.98 -8.52 1.26
C GLY B 203 -11.50 -8.57 1.11
N PRO B 204 -12.00 -9.50 0.32
CA PRO B 204 -13.45 -9.52 0.15
C PRO B 204 -14.18 -9.82 1.44
N MET B 205 -13.50 -10.42 2.41
CA MET B 205 -14.10 -10.71 3.69
C MET B 205 -14.35 -9.36 4.35
N TRP B 206 -13.35 -8.50 4.36
CA TRP B 206 -13.49 -7.15 4.93
C TRP B 206 -14.51 -6.31 4.15
N THR B 207 -14.55 -6.49 2.84
CA THR B 207 -15.45 -5.75 1.98
C THR B 207 -16.84 -6.14 2.36
N ALA B 208 -17.07 -7.42 2.68
CA ALA B 208 -18.43 -7.86 2.96
C ALA B 208 -18.94 -7.22 4.24
N ILE B 209 -18.12 -7.20 5.27
CA ILE B 209 -18.57 -6.63 6.51
C ILE B 209 -18.88 -5.15 6.31
N ALA B 210 -18.05 -4.46 5.52
CA ALA B 210 -18.14 -3.01 5.45
C ALA B 210 -19.25 -2.59 4.48
N THR B 211 -19.62 -3.45 3.56
CA THR B 211 -20.73 -3.18 2.66
C THR B 211 -22.00 -3.87 3.17
N GLY B 212 -21.89 -4.61 4.27
CA GLY B 212 -23.04 -5.28 4.84
C GLY B 212 -23.54 -6.51 4.09
N SER B 213 -22.84 -6.97 3.06
CA SER B 213 -23.28 -8.20 2.39
C SER B 213 -23.08 -9.47 3.25
N ALA B 214 -22.39 -9.33 4.39
CA ALA B 214 -22.38 -10.35 5.41
C ALA B 214 -22.65 -9.66 6.74
N ASP B 215 -23.06 -10.43 7.76
CA ASP B 215 -23.34 -9.82 9.05
C ASP B 215 -22.14 -9.70 9.97
N ALA B 216 -21.28 -10.73 10.03
CA ALA B 216 -20.14 -10.71 10.96
C ALA B 216 -19.01 -11.65 10.59
N SER B 217 -17.86 -11.42 11.19
CA SER B 217 -16.70 -12.26 10.92
C SER B 217 -15.89 -12.53 12.22
N LEU B 218 -15.35 -13.73 12.37
CA LEU B 218 -14.46 -14.03 13.52
C LEU B 218 -12.98 -14.05 13.10
N SER B 219 -12.72 -13.52 11.90
CA SER B 219 -11.43 -13.63 11.23
C SER B 219 -10.56 -12.38 11.21
N ALA B 220 -10.88 -11.38 12.03
CA ALA B 220 -10.10 -10.18 12.07
C ALA B 220 -8.86 -10.38 12.94
N TRP B 221 -7.66 -10.18 12.40
CA TRP B 221 -6.46 -10.18 13.21
C TRP B 221 -5.95 -8.73 13.34
N LEU B 222 -6.04 -8.17 14.55
CA LEU B 222 -5.68 -6.76 14.80
C LEU B 222 -4.77 -6.60 16.03
N PRO B 223 -3.99 -5.52 16.08
CA PRO B 223 -4.02 -4.38 15.15
C PRO B 223 -3.11 -4.51 13.97
N ASN B 224 -2.14 -5.42 14.05
CA ASN B 224 -1.06 -5.48 13.05
C ASN B 224 -1.46 -6.21 11.75
N THR B 225 -2.07 -7.40 11.86
CA THR B 225 -2.22 -8.27 10.69
C THR B 225 -3.10 -7.62 9.65
N HIS B 226 -4.34 -7.27 10.02
CA HIS B 226 -5.23 -6.55 9.11
C HIS B 226 -5.24 -5.03 9.29
N LYS B 227 -4.08 -4.44 9.57
CA LYS B 227 -3.97 -2.99 9.75
C LYS B 227 -4.51 -2.15 8.56
N ALA B 228 -4.09 -2.54 7.38
CA ALA B 228 -4.50 -1.89 6.14
C ALA B 228 -6.01 -2.06 5.85
N TYR B 229 -6.59 -3.25 6.06
CA TYR B 229 -8.03 -3.39 5.85
C TYR B 229 -8.82 -2.58 6.83
N ALA B 230 -8.42 -2.59 8.11
CA ALA B 230 -9.14 -1.81 9.12
C ALA B 230 -9.08 -0.32 8.79
N ALA B 231 -7.92 0.09 8.30
CA ALA B 231 -7.74 1.48 7.98
C ALA B 231 -8.61 1.82 6.76
N LYS B 232 -8.65 0.89 5.83
CA LYS B 232 -9.36 1.12 4.61
C LYS B 232 -10.84 1.33 4.94
N TYR B 233 -11.32 0.67 5.99
CA TYR B 233 -12.76 0.68 6.26
C TYR B 233 -13.10 1.31 7.61
N LYS B 234 -12.20 2.13 8.14
CA LYS B 234 -12.45 2.92 9.37
C LYS B 234 -13.82 3.54 9.43
N GLY B 235 -14.64 3.17 10.39
CA GLY B 235 -15.95 3.79 10.49
C GLY B 235 -17.04 3.03 9.77
N LYS B 236 -16.66 1.97 9.07
CA LYS B 236 -17.64 1.19 8.28
C LYS B 236 -17.93 -0.22 8.78
N TYR B 237 -17.47 -0.49 10.01
CA TYR B 237 -17.74 -1.76 10.66
C TYR B 237 -17.62 -1.56 12.17
N ASP B 238 -18.22 -2.47 12.94
CA ASP B 238 -18.13 -2.44 14.39
C ASP B 238 -17.18 -3.54 14.94
N ASP B 239 -16.35 -3.18 15.91
CA ASP B 239 -15.43 -4.13 16.54
C ASP B 239 -15.95 -4.46 17.95
N ILE B 240 -16.68 -5.56 18.09
CA ILE B 240 -17.48 -5.78 19.29
C ILE B 240 -16.95 -6.89 20.22
N GLY B 241 -15.72 -7.35 20.00
CA GLY B 241 -15.16 -8.31 20.93
C GLY B 241 -13.80 -8.84 20.55
N THR B 242 -13.11 -9.32 21.57
CA THR B 242 -11.84 -9.97 21.41
C THR B 242 -11.98 -11.43 21.86
N SER B 243 -11.93 -12.32 20.88
CA SER B 243 -12.08 -13.76 21.11
C SER B 243 -10.79 -14.42 21.55
N MET B 244 -9.63 -13.80 21.29
CA MET B 244 -8.37 -14.41 21.70
C MET B 244 -7.29 -13.38 21.74
N THR B 245 -6.35 -13.54 22.68
CA THR B 245 -5.17 -12.67 22.74
C THR B 245 -3.90 -13.51 22.77
N GLY B 246 -2.76 -12.85 22.70
CA GLY B 246 -1.46 -13.51 22.68
C GLY B 246 -1.12 -14.25 21.39
N VAL B 247 -1.84 -13.97 20.30
CA VAL B 247 -1.63 -14.69 19.04
C VAL B 247 -0.39 -14.18 18.35
N LYS B 248 0.19 -14.98 17.45
CA LYS B 248 1.50 -14.65 16.88
C LYS B 248 1.61 -14.88 15.35
N MET B 249 2.60 -14.24 14.73
CA MET B 249 2.86 -14.38 13.31
C MET B 249 4.32 -14.10 13.09
N GLY B 250 4.90 -14.76 12.10
CA GLY B 250 6.30 -14.58 11.79
C GLY B 250 6.83 -15.63 10.84
N LEU B 251 8.15 -15.70 10.74
CA LEU B 251 8.83 -16.69 9.92
C LEU B 251 9.15 -17.86 10.83
N VAL B 252 8.80 -19.06 10.36
CA VAL B 252 8.89 -20.28 11.13
C VAL B 252 9.73 -21.33 10.40
N VAL B 253 10.56 -22.05 11.17
CA VAL B 253 11.45 -23.11 10.67
C VAL B 253 11.42 -24.28 11.62
N PRO B 254 11.71 -25.47 11.12
CA PRO B 254 11.65 -26.65 11.98
C PRO B 254 12.76 -26.56 12.99
N GLN B 255 12.63 -27.22 14.13
CA GLN B 255 13.65 -27.05 15.16
C GLN B 255 14.98 -27.67 14.77
N TYR B 256 14.94 -28.61 13.83
CA TYR B 256 16.15 -29.18 13.26
C TYR B 256 17.03 -28.20 12.47
N MET B 257 16.54 -27.04 12.09
CA MET B 257 17.49 -26.04 11.59
C MET B 257 18.10 -25.31 12.77
N LYS B 258 19.13 -25.91 13.39
CA LYS B 258 19.61 -25.45 14.69
C LYS B 258 20.22 -24.06 14.63
N ASN B 259 21.00 -23.76 13.60
CA ASN B 259 21.67 -22.47 13.53
C ASN B 259 20.98 -21.33 12.72
N VAL B 260 19.66 -21.44 12.56
CA VAL B 260 18.85 -20.34 12.04
C VAL B 260 17.90 -19.98 13.16
N ASN B 261 18.13 -18.87 13.85
CA ASN B 261 17.27 -18.54 14.97
C ASN B 261 16.72 -17.14 14.92
N SER B 262 17.20 -16.35 13.97
CA SER B 262 16.77 -14.98 13.83
C SER B 262 16.60 -14.62 12.35
N ILE B 263 15.68 -13.73 12.06
CA ILE B 263 15.55 -13.21 10.71
C ILE B 263 16.91 -12.69 10.24
N GLU B 264 17.70 -12.13 11.16
CA GLU B 264 19.01 -11.60 10.82
C GLU B 264 19.91 -12.66 10.15
N ASP B 265 19.75 -13.93 10.52
CA ASP B 265 20.55 -15.01 9.94
C ASP B 265 20.29 -15.21 8.45
N LEU B 266 19.15 -14.70 7.98
CA LEU B 266 18.79 -14.86 6.58
C LEU B 266 19.61 -13.93 5.68
N LYS B 267 20.45 -13.09 6.27
CA LYS B 267 21.26 -12.19 5.47
C LYS B 267 22.64 -12.78 5.14
N LYS B 268 23.17 -13.58 6.05
CA LYS B 268 24.49 -14.20 5.87
C LYS B 268 24.53 -15.00 4.58
C2 3Q7 C . 3.45 13.51 -13.08
O2 3Q7 C . 6.12 10.39 -10.76
C 3Q7 C . 5.30 11.31 -10.92
O1 3Q7 C . 4.08 11.09 -11.10
CA 3Q7 C . 5.76 12.75 -10.87
AS 3Q7 C . 4.38 14.03 -11.41
C3 3Q7 C . 3.10 14.13 -9.92
C1 3Q7 C . 5.29 15.68 -11.88
C2 3Q7 D . -2.93 -16.46 8.14
O2 3Q7 D . -2.63 -13.25 7.66
C 3Q7 D . -3.86 -13.08 7.81
O1 3Q7 D . -4.51 -12.23 7.19
CA 3Q7 D . -4.61 -13.87 8.88
AS 3Q7 D . -3.60 -15.35 9.61
C3 3Q7 D . -2.28 -14.84 10.97
C1 3Q7 D . -4.95 -16.45 10.48
#